data_9V92
#
_entry.id   9V92
#
_cell.length_a   68.840
_cell.length_b   68.840
_cell.length_c   79.690
_cell.angle_alpha   90.00
_cell.angle_beta   90.00
_cell.angle_gamma   120.00
#
_symmetry.space_group_name_H-M   'P 31 2 1'
#
loop_
_entity.id
_entity.type
_entity.pdbx_description
1 polymer 'Peptidyl-prolyl cis-trans isomerase NIMA-interacting 1'
2 non-polymer 3-(dimethylamino)-1-(thiophen-2-yl)propan-1-one
3 non-polymer 3,6,9,12,15,18,21-HEPTAOXATRICOSANE-1,23-DIOL
4 non-polymer 'SULFATE ION'
5 water water
#
_entity_poly.entity_id   1
_entity_poly.type   'polypeptide(L)'
_entity_poly.pdbx_seq_one_letter_code
;MADEEKLPPGWEKAMSRSSGRVYYFNHITNASQWERPSGNSSSGGKNGQGEPARVRCSHLLVKHSQSRRPSSWRQEKITR
TKEEALELINGYIQKIKSGEEDFESLASQFSDCSSAKARGDLGAFSRGQMQKPFEDASFALRTGEMSGPVFTDSGIHIIL
RTE
;
_entity_poly.pdbx_strand_id   A
#
loop_
_chem_comp.id
_chem_comp.type
_chem_comp.name
_chem_comp.formula
PE8 non-polymer 3,6,9,12,15,18,21-HEPTAOXATRICOSANE-1,23-DIOL 'C16 H34 O9'
QCF non-polymer 3-(dimethylamino)-1-(thiophen-2-yl)propan-1-one 'C9 H13 N O S'
SO4 non-polymer 'SULFATE ION' 'O4 S -2'
#
# COMPACT_ATOMS: atom_id res chain seq x y z
N LYS A 6 -4.63 24.27 1.05
CA LYS A 6 -4.03 24.03 2.38
C LYS A 6 -3.54 22.59 2.49
N LEU A 7 -4.19 21.65 1.81
CA LEU A 7 -3.81 20.24 2.02
C LEU A 7 -2.66 19.83 1.10
N PRO A 8 -1.75 18.98 1.58
CA PRO A 8 -0.63 18.44 0.78
C PRO A 8 -1.13 17.64 -0.41
N PRO A 9 -0.23 17.30 -1.36
CA PRO A 9 -0.66 16.68 -2.62
C PRO A 9 -1.57 15.47 -2.48
N GLY A 10 -2.75 15.54 -3.12
CA GLY A 10 -3.65 14.41 -3.24
C GLY A 10 -4.70 14.25 -2.15
N TRP A 11 -4.65 15.08 -1.11
CA TRP A 11 -5.54 14.95 0.04
C TRP A 11 -6.82 15.74 -0.18
N GLU A 12 -7.92 15.22 0.34
CA GLU A 12 -9.20 15.94 0.28
C GLU A 12 -9.96 15.68 1.57
N LYS A 13 -10.80 16.65 1.92
CA LYS A 13 -11.70 16.51 3.06
C LYS A 13 -12.87 15.63 2.68
N ALA A 14 -13.36 14.83 3.62
CA ALA A 14 -14.46 13.94 3.29
C ALA A 14 -15.34 13.74 4.51
N MET A 15 -16.51 13.17 4.26
CA MET A 15 -17.55 13.00 5.28
C MET A 15 -17.69 11.51 5.57
N SER A 16 -17.60 11.15 6.85
CA SER A 16 -17.71 9.75 7.24
C SER A 16 -19.18 9.30 7.24
N ARG A 17 -19.45 8.19 6.55
CA ARG A 17 -20.82 7.67 6.45
C ARG A 17 -21.39 7.30 7.80
N SER A 18 -20.59 6.64 8.64
CA SER A 18 -21.21 6.08 9.84
C SER A 18 -21.28 7.07 10.99
N SER A 19 -20.24 7.91 11.16
CA SER A 19 -20.16 8.80 12.31
C SER A 19 -20.55 10.25 12.01
N GLY A 20 -20.51 10.67 10.75
CA GLY A 20 -20.73 12.08 10.44
C GLY A 20 -19.53 12.98 10.68
N ARG A 21 -18.40 12.42 11.11
CA ARG A 21 -17.23 13.24 11.40
C ARG A 21 -16.40 13.38 10.13
N VAL A 22 -15.80 14.56 9.96
CA VAL A 22 -14.96 14.75 8.79
C VAL A 22 -13.70 13.91 8.92
N TYR A 23 -13.16 13.47 7.78
CA TYR A 23 -11.88 12.79 7.75
C TYR A 23 -11.17 13.23 6.48
N TYR A 24 -9.96 12.71 6.28
CA TYR A 24 -9.13 13.09 5.16
C TYR A 24 -8.74 11.85 4.38
N PHE A 25 -8.78 11.98 3.06
CA PHE A 25 -8.57 10.90 2.11
C PHE A 25 -7.59 11.37 1.06
N ASN A 26 -6.64 10.51 0.71
CA ASN A 26 -5.66 10.81 -0.33
C ASN A 26 -5.95 9.93 -1.52
N HIS A 27 -6.33 10.55 -2.63
CA HIS A 27 -6.70 9.77 -3.80
C HIS A 27 -5.50 9.24 -4.60
N ILE A 28 -4.28 9.68 -4.29
CA ILE A 28 -3.07 9.12 -4.91
C ILE A 28 -2.58 7.88 -4.15
N THR A 29 -2.66 7.87 -2.81
CA THR A 29 -2.18 6.73 -2.00
C THR A 29 -3.31 5.85 -1.47
N ASN A 30 -4.57 6.31 -1.55
CA ASN A 30 -5.74 5.66 -0.95
C ASN A 30 -5.65 5.61 0.58
N ALA A 31 -4.80 6.44 1.19
CA ALA A 31 -4.80 6.55 2.64
C ALA A 31 -6.02 7.33 3.14
N SER A 32 -6.44 7.04 4.36
CA SER A 32 -7.50 7.80 5.02
C SER A 32 -7.21 7.85 6.51
N GLN A 33 -7.51 9.00 7.12
CA GLN A 33 -7.26 9.21 8.53
C GLN A 33 -8.19 10.29 9.06
N TRP A 34 -8.43 10.25 10.38
CA TRP A 34 -9.23 11.29 11.01
C TRP A 34 -8.49 12.61 11.10
N GLU A 35 -7.17 12.55 11.26
CA GLU A 35 -6.36 13.72 11.57
C GLU A 35 -6.00 14.49 10.30
N ARG A 36 -5.96 15.82 10.41
CA ARG A 36 -5.55 16.64 9.29
C ARG A 36 -4.10 16.33 8.92
N PRO A 37 -3.81 16.05 7.64
CA PRO A 37 -2.44 15.66 7.27
C PRO A 37 -1.46 16.81 7.38
N SER A 38 -0.19 16.46 7.63
CA SER A 38 0.89 17.43 7.77
C SER A 38 1.49 17.79 6.40
N GLY A 39 1.84 19.06 6.24
CA GLY A 39 2.46 19.55 5.03
C GLY A 39 1.61 20.53 4.25
N GLU A 51 9.82 17.90 -4.15
CA GLU A 51 9.77 16.47 -3.84
C GLU A 51 11.14 15.82 -4.07
N PRO A 52 11.46 14.77 -3.32
CA PRO A 52 12.82 14.22 -3.36
C PRO A 52 13.07 13.44 -4.64
N ALA A 53 14.35 13.37 -5.01
CA ALA A 53 14.70 12.63 -6.21
C ALA A 53 14.44 11.13 -6.04
N ARG A 54 14.60 10.63 -4.81
CA ARG A 54 14.42 9.21 -4.53
C ARG A 54 13.67 9.04 -3.22
N VAL A 55 12.94 7.93 -3.11
CA VAL A 55 12.30 7.51 -1.88
C VAL A 55 12.63 6.03 -1.69
N ARG A 56 12.45 5.56 -0.46
CA ARG A 56 12.63 4.16 -0.14
C ARG A 56 11.35 3.63 0.47
N CYS A 57 10.89 2.47 -0.02
CA CYS A 57 9.62 1.91 0.40
C CYS A 57 9.74 0.41 0.59
N SER A 58 8.86 -0.11 1.45
CA SER A 58 8.54 -1.53 1.50
C SER A 58 7.09 -1.72 1.05
N HIS A 59 6.75 -2.96 0.70
CA HIS A 59 5.38 -3.23 0.30
C HIS A 59 5.00 -4.65 0.70
N LEU A 60 3.70 -4.87 0.69
CA LEU A 60 3.08 -6.18 0.81
C LEU A 60 2.13 -6.29 -0.37
N LEU A 61 2.37 -7.27 -1.24
CA LEU A 61 1.58 -7.47 -2.45
C LEU A 61 0.68 -8.68 -2.25
N VAL A 62 -0.59 -8.54 -2.63
CA VAL A 62 -1.49 -9.68 -2.69
C VAL A 62 -1.90 -9.84 -4.14
N LYS A 63 -1.57 -10.99 -4.72
CA LYS A 63 -1.87 -11.25 -6.12
C LYS A 63 -3.27 -11.87 -6.25
N HIS A 64 -3.78 -11.90 -7.49
CA HIS A 64 -5.07 -12.48 -7.77
C HIS A 64 -5.03 -13.10 -9.17
N SER A 65 -6.15 -13.69 -9.59
CA SER A 65 -6.19 -14.43 -10.84
C SER A 65 -5.98 -13.55 -12.08
N GLN A 66 -6.15 -12.23 -11.95
CA GLN A 66 -5.92 -11.35 -13.10
C GLN A 66 -4.57 -10.66 -13.04
N SER A 67 -3.72 -11.03 -12.06
CA SER A 67 -2.37 -10.49 -11.97
C SER A 67 -1.57 -10.84 -13.22
N ARG A 68 -0.60 -9.99 -13.54
CA ARG A 68 0.23 -10.23 -14.73
C ARG A 68 0.85 -11.63 -14.70
N ARG A 69 1.41 -12.04 -13.57
CA ARG A 69 1.86 -13.41 -13.36
C ARG A 69 1.19 -13.96 -12.11
N PRO A 70 0.13 -14.76 -12.25
CA PRO A 70 -0.60 -15.28 -11.08
C PRO A 70 0.14 -16.43 -10.39
N SER A 71 1.33 -16.14 -9.88
CA SER A 71 2.13 -17.10 -9.15
C SER A 71 3.07 -16.37 -8.21
N SER A 72 3.52 -17.07 -7.16
CA SER A 72 4.44 -16.47 -6.19
C SER A 72 5.15 -17.56 -5.39
N TRP A 73 6.11 -17.16 -4.56
CA TRP A 73 6.76 -18.12 -3.67
C TRP A 73 5.74 -18.78 -2.74
N ARG A 74 4.63 -18.11 -2.43
CA ARG A 74 3.63 -18.70 -1.53
C ARG A 74 2.75 -19.74 -2.22
N GLN A 75 2.54 -19.61 -3.53
CA GLN A 75 1.49 -20.37 -4.20
C GLN A 75 1.83 -20.43 -5.68
N GLU A 76 2.00 -21.65 -6.21
CA GLU A 76 2.39 -21.81 -7.61
C GLU A 76 1.32 -21.28 -8.55
N LYS A 77 0.05 -21.54 -8.26
CA LYS A 77 -1.08 -21.05 -9.05
C LYS A 77 -2.00 -20.24 -8.13
N ILE A 78 -1.92 -18.92 -8.24
CA ILE A 78 -2.80 -18.07 -7.44
C ILE A 78 -4.14 -17.99 -8.16
N THR A 79 -5.20 -18.33 -7.42
CA THR A 79 -6.55 -18.46 -7.95
C THR A 79 -7.55 -17.50 -7.34
N ARG A 80 -7.21 -16.81 -6.25
CA ARG A 80 -8.17 -15.91 -5.63
C ARG A 80 -8.57 -14.81 -6.60
N THR A 81 -9.79 -14.30 -6.41
CA THR A 81 -10.29 -13.20 -7.20
C THR A 81 -9.71 -11.88 -6.73
N LYS A 82 -9.76 -10.90 -7.63
CA LYS A 82 -9.40 -9.52 -7.29
C LYS A 82 -10.17 -9.04 -6.05
N GLU A 83 -11.45 -9.43 -5.94
CA GLU A 83 -12.22 -8.96 -4.78
C GLU A 83 -11.71 -9.62 -3.49
N GLU A 84 -11.31 -10.91 -3.57
CA GLU A 84 -10.77 -11.60 -2.40
C GLU A 84 -9.41 -11.05 -2.01
N ALA A 85 -8.59 -10.65 -2.99
CA ALA A 85 -7.31 -10.03 -2.68
C ALA A 85 -7.50 -8.69 -1.97
N LEU A 86 -8.50 -7.92 -2.41
CA LEU A 86 -8.75 -6.64 -1.78
C LEU A 86 -9.22 -6.82 -0.34
N GLU A 87 -10.07 -7.83 -0.09
CA GLU A 87 -10.46 -8.10 1.29
C GLU A 87 -9.25 -8.46 2.15
N LEU A 88 -8.34 -9.27 1.61
CA LEU A 88 -7.15 -9.62 2.37
C LEU A 88 -6.28 -8.40 2.64
N ILE A 89 -6.12 -7.53 1.64
CA ILE A 89 -5.38 -6.28 1.84
C ILE A 89 -6.04 -5.44 2.92
N ASN A 90 -7.37 -5.33 2.89
CA ASN A 90 -8.08 -4.55 3.90
C ASN A 90 -7.84 -5.08 5.31
N GLY A 91 -7.85 -6.40 5.47
CA GLY A 91 -7.63 -6.99 6.79
C GLY A 91 -6.23 -6.74 7.32
N TYR A 92 -5.22 -6.84 6.46
CA TYR A 92 -3.84 -6.54 6.87
C TYR A 92 -3.71 -5.09 7.29
N ILE A 93 -4.33 -4.19 6.53
CA ILE A 93 -4.27 -2.78 6.89
C ILE A 93 -4.90 -2.57 8.26
N GLN A 94 -6.03 -3.25 8.53
CA GLN A 94 -6.64 -3.12 9.84
C GLN A 94 -5.71 -3.56 10.95
N LYS A 95 -4.99 -4.67 10.75
CA LYS A 95 -4.15 -5.18 11.81
C LYS A 95 -2.89 -4.34 11.99
N ILE A 96 -2.36 -3.78 10.91
CA ILE A 96 -1.23 -2.87 11.03
C ILE A 96 -1.65 -1.60 11.77
N LYS A 97 -2.82 -1.05 11.41
CA LYS A 97 -3.27 0.19 12.06
C LYS A 97 -3.65 0.01 13.51
N SER A 98 -4.17 -1.16 13.89
CA SER A 98 -4.47 -1.39 15.30
C SER A 98 -3.24 -1.80 16.11
N GLY A 99 -2.13 -2.09 15.46
CA GLY A 99 -0.95 -2.55 16.16
C GLY A 99 -0.96 -4.01 16.52
N GLU A 100 -2.02 -4.74 16.21
CA GLU A 100 -2.01 -6.19 16.39
C GLU A 100 -0.84 -6.84 15.65
N GLU A 101 -0.43 -6.27 14.52
CA GLU A 101 0.61 -6.85 13.71
C GLU A 101 1.51 -5.74 13.17
N ASP A 102 2.81 -6.02 13.02
CA ASP A 102 3.71 -5.11 12.34
C ASP A 102 3.64 -5.29 10.83
N PHE A 103 3.84 -4.19 10.10
CA PHE A 103 3.92 -4.26 8.65
C PHE A 103 4.98 -5.26 8.17
N GLU A 104 6.18 -5.18 8.74
CA GLU A 104 7.26 -6.09 8.34
C GLU A 104 6.87 -7.55 8.55
N SER A 105 6.15 -7.83 9.62
CA SER A 105 5.75 -9.20 9.94
C SER A 105 4.78 -9.74 8.89
N LEU A 106 3.77 -8.96 8.53
CA LEU A 106 2.80 -9.42 7.54
C LEU A 106 3.41 -9.52 6.16
N ALA A 107 4.28 -8.59 5.80
CA ALA A 107 4.91 -8.68 4.48
C ALA A 107 5.77 -9.93 4.37
N SER A 108 6.54 -10.22 5.43
CA SER A 108 7.40 -11.41 5.43
C SER A 108 6.57 -12.68 5.27
N GLN A 109 5.41 -12.73 5.93
CA GLN A 109 4.60 -13.94 5.90
C GLN A 109 3.68 -14.02 4.69
N PHE A 110 3.16 -12.91 4.17
CA PHE A 110 2.05 -13.01 3.25
C PHE A 110 2.20 -12.30 1.93
N SER A 111 3.25 -11.51 1.71
CA SER A 111 3.42 -10.83 0.44
C SER A 111 3.77 -11.81 -0.68
N ASP A 112 3.02 -11.71 -1.79
CA ASP A 112 3.23 -12.56 -2.97
C ASP A 112 4.33 -12.01 -3.86
N CYS A 113 5.49 -11.71 -3.29
CA CYS A 113 6.61 -11.10 -4.01
C CYS A 113 7.89 -11.60 -3.35
N SER A 114 8.97 -11.67 -4.13
CA SER A 114 10.24 -12.13 -3.56
C SER A 114 10.79 -11.15 -2.53
N SER A 115 10.33 -9.90 -2.54
CA SER A 115 10.71 -8.91 -1.54
C SER A 115 10.25 -9.27 -0.13
N ALA A 116 9.35 -10.26 0.00
CA ALA A 116 8.91 -10.71 1.31
C ALA A 116 10.09 -11.13 2.17
N LYS A 117 11.08 -11.80 1.56
CA LYS A 117 12.26 -12.27 2.30
C LYS A 117 13.04 -11.12 2.92
N ALA A 118 12.86 -9.89 2.43
CA ALA A 118 13.51 -8.71 3.00
C ALA A 118 12.52 -7.83 3.76
N ARG A 119 11.53 -8.44 4.40
CA ARG A 119 10.49 -7.70 5.13
C ARG A 119 9.81 -6.68 4.24
N GLY A 120 9.78 -6.95 2.94
CA GLY A 120 9.06 -6.15 1.98
C GLY A 120 9.85 -4.99 1.39
N ASP A 121 11.08 -4.79 1.84
CA ASP A 121 11.91 -3.66 1.44
C ASP A 121 12.31 -3.78 -0.03
N LEU A 122 12.08 -2.71 -0.78
CA LEU A 122 12.49 -2.61 -2.17
C LEU A 122 13.71 -1.73 -2.38
N GLY A 123 14.23 -1.08 -1.33
CA GLY A 123 15.31 -0.15 -1.51
C GLY A 123 14.84 1.18 -2.07
N ALA A 124 15.82 2.02 -2.43
CA ALA A 124 15.50 3.34 -2.95
C ALA A 124 15.31 3.29 -4.46
N PHE A 125 14.47 4.20 -4.96
CA PHE A 125 14.21 4.30 -6.40
C PHE A 125 13.80 5.72 -6.74
N SER A 126 13.93 6.05 -8.03
CA SER A 126 13.52 7.33 -8.57
C SER A 126 12.22 7.18 -9.34
N ARG A 127 11.69 8.31 -9.78
CA ARG A 127 10.61 8.26 -10.76
C ARG A 127 11.15 7.71 -12.08
N GLY A 128 10.29 7.03 -12.82
CA GLY A 128 10.71 6.37 -14.03
C GLY A 128 11.32 4.99 -13.86
N GLN A 129 11.05 4.29 -12.74
CA GLN A 129 11.47 2.91 -12.58
C GLN A 129 10.34 1.94 -12.24
N MET A 130 9.37 2.37 -11.44
CA MET A 130 8.32 1.49 -10.94
C MET A 130 7.09 1.63 -11.82
N GLN A 131 6.17 0.68 -11.70
CA GLN A 131 4.85 0.86 -12.29
C GLN A 131 4.25 2.17 -11.76
N LYS A 132 3.57 2.91 -12.65
CA LYS A 132 3.11 4.26 -12.32
C LYS A 132 2.25 4.37 -11.06
N PRO A 133 1.23 3.54 -10.83
CA PRO A 133 0.44 3.72 -9.59
C PRO A 133 1.27 3.52 -8.32
N PHE A 134 2.20 2.57 -8.37
CA PHE A 134 3.13 2.37 -7.26
C PHE A 134 4.04 3.58 -7.08
N GLU A 135 4.63 4.06 -8.17
CA GLU A 135 5.53 5.21 -8.11
C GLU A 135 4.81 6.43 -7.56
N ASP A 136 3.59 6.70 -8.06
CA ASP A 136 2.83 7.88 -7.62
C ASP A 136 2.53 7.81 -6.13
N ALA A 137 2.02 6.67 -5.67
CA ALA A 137 1.71 6.54 -4.25
C ALA A 137 2.98 6.67 -3.40
N SER A 138 4.07 6.06 -3.84
CA SER A 138 5.32 6.11 -3.09
C SER A 138 5.80 7.55 -2.88
N PHE A 139 5.81 8.34 -3.95
CA PHE A 139 6.28 9.71 -3.85
C PHE A 139 5.27 10.65 -3.19
N ALA A 140 4.00 10.25 -3.10
CA ALA A 140 3.03 11.06 -2.38
C ALA A 140 3.00 10.76 -0.88
N LEU A 141 3.57 9.64 -0.43
CA LEU A 141 3.67 9.35 0.99
C LEU A 141 4.76 10.22 1.64
N ARG A 142 4.52 10.59 2.89
CA ARG A 142 5.58 11.21 3.68
C ARG A 142 6.36 10.10 4.37
N THR A 143 7.56 10.45 4.85
CA THR A 143 8.39 9.43 5.50
C THR A 143 7.66 8.86 6.71
N GLY A 144 7.59 7.54 6.78
CA GLY A 144 6.85 6.89 7.83
C GLY A 144 5.40 6.60 7.53
N GLU A 145 4.85 7.14 6.44
CA GLU A 145 3.44 6.94 6.12
C GLU A 145 3.19 5.67 5.31
N MET A 146 1.97 5.17 5.42
CA MET A 146 1.52 3.96 4.77
C MET A 146 0.38 4.27 3.82
N SER A 147 0.34 3.56 2.70
CA SER A 147 -0.72 3.75 1.73
C SER A 147 -1.97 2.96 2.11
N GLY A 148 -3.07 3.25 1.42
CA GLY A 148 -4.14 2.28 1.35
C GLY A 148 -3.85 1.28 0.26
N PRO A 149 -4.88 0.57 -0.19
CA PRO A 149 -4.71 -0.36 -1.32
C PRO A 149 -4.27 0.40 -2.58
N VAL A 150 -3.22 -0.11 -3.21
CA VAL A 150 -2.67 0.49 -4.43
C VAL A 150 -2.66 -0.57 -5.53
N PHE A 151 -3.36 -0.30 -6.63
CA PHE A 151 -3.64 -1.30 -7.65
C PHE A 151 -2.63 -1.17 -8.79
N THR A 152 -1.98 -2.28 -9.16
CA THR A 152 -1.11 -2.32 -10.32
C THR A 152 -1.38 -3.62 -11.07
N ASP A 153 -0.68 -3.83 -12.19
CA ASP A 153 -0.93 -5.07 -12.91
C ASP A 153 -0.41 -6.28 -12.17
N SER A 154 0.47 -6.08 -11.18
CA SER A 154 0.98 -7.21 -10.40
C SER A 154 -0.03 -7.68 -9.37
N GLY A 155 -0.90 -6.80 -8.92
CA GLY A 155 -1.84 -7.12 -7.88
C GLY A 155 -2.13 -5.86 -7.06
N ILE A 156 -2.45 -6.08 -5.78
CA ILE A 156 -2.81 -5.00 -4.87
C ILE A 156 -1.72 -4.89 -3.81
N HIS A 157 -1.20 -3.67 -3.62
CA HIS A 157 -0.10 -3.42 -2.69
C HIS A 157 -0.55 -2.60 -1.49
N ILE A 158 0.10 -2.81 -0.35
CA ILE A 158 0.21 -1.82 0.72
C ILE A 158 1.64 -1.33 0.73
N ILE A 159 1.84 0.00 0.75
CA ILE A 159 3.17 0.59 0.61
C ILE A 159 3.50 1.36 1.88
N LEU A 160 4.74 1.20 2.36
CA LEU A 160 5.23 1.92 3.52
C LEU A 160 6.46 2.71 3.09
N ARG A 161 6.41 4.02 3.19
CA ARG A 161 7.59 4.81 2.84
C ARG A 161 8.53 4.87 4.04
N THR A 162 9.76 4.37 3.86
CA THR A 162 10.70 4.33 4.96
C THR A 162 11.77 5.41 4.88
N GLU A 163 12.05 5.96 3.71
CA GLU A 163 13.00 7.07 3.58
C GLU A 163 12.59 7.96 2.42
C3 QCF B . 7.08 -8.94 -6.51
C4 QCF B . 7.53 -7.82 -7.42
C5 QCF B . 6.62 -6.62 -7.40
O1 QCF B . 5.41 -6.70 -7.57
C6 QCF B . 7.24 -5.31 -7.23
C7 QCF B . 8.57 -4.98 -7.25
C8 QCF B . 8.74 -3.63 -6.94
C9 QCF B . 7.59 -2.96 -6.72
S1 QCF B . 6.24 -3.93 -7.00
O1 PE8 C . -3.16 5.79 7.76
C2 PE8 C . -2.72 5.88 6.41
C3 PE8 C . -3.08 4.64 5.63
O4 PE8 C . -4.49 4.51 5.47
C5 PE8 C . -4.79 3.43 4.59
C6 PE8 C . -6.26 3.17 4.53
O7 PE8 C . -6.70 2.60 5.75
C8 PE8 C . -8.05 2.17 5.70
C9 PE8 C . -8.47 1.66 7.04
O10 PE8 C . -8.38 2.72 7.98
C11 PE8 C . -9.01 2.39 9.22
C12 PE8 C . -8.86 3.54 10.16
O13 PE8 C . -9.45 4.70 9.58
C14 PE8 C . -9.49 5.80 10.48
C15 PE8 C . -10.05 6.97 9.75
O16 PE8 C . -11.32 6.65 9.21
C17 PE8 C . -11.93 7.77 8.60
C18 PE8 C . -13.22 7.36 7.98
O19 PE8 C . -12.98 6.36 6.99
C20 PE8 C . -14.17 6.06 6.26
C21 PE8 C . -14.00 4.73 5.57
O22 PE8 C . -12.95 4.83 4.62
C23 PE8 C . -12.67 3.59 3.98
C24 PE8 C . -12.00 2.65 4.94
O25 PE8 C . -11.89 1.34 4.43
S SO4 D . 9.04 13.99 4.00
O1 SO4 D . 9.37 15.36 4.40
O2 SO4 D . 8.26 14.02 2.76
O3 SO4 D . 10.27 13.22 3.77
O4 SO4 D . 8.28 13.35 5.08
S SO4 E . 4.43 -9.44 -11.74
O1 SO4 E . 4.72 -8.34 -10.88
O2 SO4 E . 3.03 -9.75 -11.70
O3 SO4 E . 4.79 -9.08 -13.07
O4 SO4 E . 5.19 -10.57 -11.31
#